data_9QWC
#
_entry.id   9QWC
#
_cell.length_a   131.231
_cell.length_b   131.231
_cell.length_c   155.425
_cell.angle_alpha   90.000
_cell.angle_beta   90.000
_cell.angle_gamma   120.000
#
_symmetry.space_group_name_H-M   'P 65 2 2'
#
loop_
_entity.id
_entity.type
_entity.pdbx_description
1 polymer Furin
2 non-polymer 'CALCIUM ION'
3 non-polymer 'SODIUM ION'
4 non-polymer 'CHLORIDE ION'
5 non-polymer 'DIMETHYL SULFOXIDE'
6 non-polymer 2-acetamido-2-deoxy-beta-D-glucopyranose
7 non-polymer ~{N}-[[1-[[3-[[4-[1-(2-azanylethanoyl)piperidin-4-yl]piperidin-1-yl]methyl]-5-[3,5-bis(chloranyl)phenyl]phenyl]methyl]piperidin-4-yl]methyl]ethanamide
8 water water
#
_entity_poly.entity_id   1
_entity_poly.type   'polypeptide(L)'
_entity_poly.pdbx_seq_one_letter_code
;DVYQEPTDPKFPQQWYLSGVTQRDLNVKAAWAQGYTGHGIVVSILDDGIEKNHPDLAGNYDPGASFDVNDQDPDPQPRYT
QMNDNRHGTRCAGEVAAVANNGVCGVGVAYNARIGGVRMLDGEVTDAVEARSLGLNPNHIHIYSASWGPEDDGKTVDGPA
RLAEEAFFRGVSQGRGGLGSIFVWASGNGGREHDSCNCDGYTNSIYTLSISSATQFGNVPWYSEACSSTLATTYSSGNQN
EKQIVTTDLRQKCTESHTGTSASAPLAAGIIALTLEANKNLTWRDMQHLVVQTSKPAHLNANDWATNGVGRKVSHSYGYG
LLDAGAMVALAQNWTTVAPQRKCIIDILTEPKDIGKRLEVRKTVTACLGEPNHITRLEHAQARLTLSYNRRGDLAIHLVS
PMGTRSTLLAARPHDYSADGFNDWAFMTTHSWDEDPSGEWVLEIENTSEANNYGTLTKFTLVLYGTASGSLVPRGSHHHH
HH
;
_entity_poly.pdbx_strand_id   A
#
loop_
_chem_comp.id
_chem_comp.type
_chem_comp.name
_chem_comp.formula
A1JA1 non-polymer ~{N}-[[1-[[3-[[4-[1-(2-azanylethanoyl)piperidin-4-yl]piperidin-1-yl]methyl]-5-[3,5-bis(chloranyl)phenyl]phenyl]methyl]piperidin-4-yl]methyl]ethanamide 'C34 H47 Cl2 N5 O2'
CA non-polymer 'CALCIUM ION' 'Ca 2'
CL non-polymer 'CHLORIDE ION' 'Cl -1'
DMS non-polymer 'DIMETHYL SULFOXIDE' 'C2 H6 O S'
NA non-polymer 'SODIUM ION' 'Na 1'
NAG D-saccharide, beta linking 2-acetamido-2-deoxy-beta-D-glucopyranose 'C8 H15 N O6'
#
# COMPACT_ATOMS: atom_id res chain seq x y z
N TYR A 3 31.61 -0.97 6.39
CA TYR A 3 30.39 -0.34 6.90
C TYR A 3 30.25 -0.55 8.40
N GLN A 4 29.89 0.50 9.13
CA GLN A 4 29.67 0.42 10.57
C GLN A 4 28.19 0.62 10.88
N GLU A 5 27.58 -0.39 11.48
CA GLU A 5 26.17 -0.28 11.77
C GLU A 5 25.93 0.76 12.87
N PRO A 6 24.71 1.27 12.95
CA PRO A 6 24.43 2.36 13.89
C PRO A 6 24.71 1.98 15.32
N THR A 7 25.13 2.98 16.09
CA THR A 7 25.45 2.83 17.50
C THR A 7 24.32 3.27 18.42
N ASP A 8 23.18 3.68 17.87
CA ASP A 8 22.10 4.22 18.68
C ASP A 8 21.64 3.22 19.75
N PRO A 9 21.22 3.70 20.91
CA PRO A 9 21.00 2.79 22.05
C PRO A 9 19.89 1.78 21.82
N LYS A 10 18.89 2.10 21.02
CA LYS A 10 17.80 1.16 20.76
C LYS A 10 17.87 0.51 19.39
N PHE A 11 18.96 0.72 18.66
CA PHE A 11 19.08 0.00 17.39
C PHE A 11 19.05 -1.51 17.60
N PRO A 12 19.67 -2.08 18.63
CA PRO A 12 19.54 -3.53 18.83
C PRO A 12 18.11 -3.99 19.00
N GLN A 13 17.23 -3.14 19.53
CA GLN A 13 15.83 -3.50 19.69
C GLN A 13 15.04 -3.35 18.40
N GLN A 14 15.61 -2.76 17.35
CA GLN A 14 14.94 -2.63 16.06
C GLN A 14 15.19 -3.91 15.26
N TRP A 15 14.53 -4.97 15.74
CA TRP A 15 14.78 -6.34 15.28
C TRP A 15 14.50 -6.51 13.79
N TYR A 16 13.59 -5.69 13.25
CA TYR A 16 13.20 -5.74 11.85
C TYR A 16 14.24 -5.08 10.95
N LEU A 17 15.21 -4.36 11.53
CA LEU A 17 16.42 -3.88 10.85
C LEU A 17 17.71 -4.56 11.32
N SER A 18 17.88 -4.76 12.62
CA SER A 18 19.19 -5.18 13.13
C SER A 18 19.33 -6.69 13.26
N GLY A 19 18.31 -7.45 12.86
CA GLY A 19 18.33 -8.88 13.10
C GLY A 19 19.47 -9.57 12.39
N VAL A 20 19.92 -10.68 12.98
CA VAL A 20 20.91 -11.58 12.38
C VAL A 20 20.33 -12.95 12.09
N THR A 21 19.00 -13.10 12.15
CA THR A 21 18.34 -14.39 12.06
C THR A 21 17.54 -14.54 10.77
N GLN A 22 17.73 -13.65 9.80
CA GLN A 22 17.04 -13.67 8.51
C GLN A 22 15.56 -13.30 8.62
N ARG A 23 15.09 -12.88 9.79
CA ARG A 23 13.72 -12.39 9.93
C ARG A 23 13.73 -10.87 10.06
N ASP A 24 14.16 -10.21 8.99
CA ASP A 24 14.24 -8.76 8.94
C ASP A 24 14.07 -8.27 7.51
N LEU A 25 14.11 -6.96 7.34
CA LEU A 25 13.84 -6.32 6.07
C LEU A 25 15.10 -6.15 5.22
N ASN A 26 16.23 -6.71 5.65
CA ASN A 26 17.47 -6.72 4.87
C ASN A 26 17.91 -5.29 4.55
N VAL A 27 17.80 -4.41 5.54
CA VAL A 27 18.15 -3.01 5.37
C VAL A 27 19.66 -2.80 5.51
N LYS A 28 20.32 -3.55 6.40
CA LYS A 28 21.77 -3.36 6.55
C LYS A 28 22.50 -3.59 5.23
N ALA A 29 22.01 -4.53 4.42
CA ALA A 29 22.61 -4.80 3.13
C ALA A 29 22.56 -3.58 2.23
N ALA A 30 21.48 -2.82 2.31
CA ALA A 30 21.36 -1.61 1.50
C ALA A 30 22.27 -0.52 2.04
N TRP A 31 22.27 -0.33 3.36
CA TRP A 31 23.18 0.64 3.97
C TRP A 31 24.62 0.36 3.59
N ALA A 32 25.01 -0.91 3.60
CA ALA A 32 26.39 -1.26 3.28
C ALA A 32 26.71 -1.11 1.79
N GLN A 33 25.71 -1.13 0.91
CA GLN A 33 25.89 -0.76 -0.49
C GLN A 33 26.02 0.76 -0.65
N GLY A 34 25.86 1.52 0.43
CA GLY A 34 26.00 2.97 0.42
C GLY A 34 24.70 3.76 0.37
N TYR A 35 23.56 3.12 0.55
CA TYR A 35 22.26 3.77 0.38
C TYR A 35 21.62 3.98 1.74
N THR A 36 21.44 5.25 2.12
CA THR A 36 20.85 5.61 3.39
C THR A 36 19.74 6.65 3.27
N GLY A 37 19.38 7.03 2.05
CA GLY A 37 18.32 7.98 1.83
C GLY A 37 18.78 9.40 1.52
N HIS A 38 20.08 9.62 1.39
N HIS A 38 20.08 9.63 1.42
CA HIS A 38 20.57 10.97 1.11
CA HIS A 38 20.59 10.95 1.07
C HIS A 38 19.91 11.51 -0.16
C HIS A 38 19.86 11.50 -0.15
N GLY A 39 19.37 12.73 -0.04
CA GLY A 39 18.77 13.43 -1.17
C GLY A 39 17.31 13.12 -1.40
N ILE A 40 16.73 12.21 -0.63
CA ILE A 40 15.34 11.82 -0.80
C ILE A 40 14.50 12.52 0.27
N VAL A 41 13.27 12.85 -0.09
CA VAL A 41 12.36 13.62 0.77
C VAL A 41 11.08 12.82 0.92
N VAL A 42 10.69 12.55 2.17
CA VAL A 42 9.51 11.76 2.52
C VAL A 42 8.59 12.62 3.39
N SER A 43 7.28 12.52 3.17
CA SER A 43 6.32 13.23 4.00
C SER A 43 5.31 12.24 4.59
N ILE A 44 5.04 12.37 5.89
CA ILE A 44 4.08 11.55 6.62
C ILE A 44 2.75 12.29 6.69
N LEU A 45 1.70 11.71 6.09
N LEU A 45 1.70 11.70 6.11
CA LEU A 45 0.37 12.29 6.14
CA LEU A 45 0.36 12.29 6.15
C LEU A 45 -0.33 11.74 7.38
C LEU A 45 -0.34 11.75 7.38
N ASP A 46 -0.48 12.57 8.42
CA ASP A 46 -0.97 12.03 9.68
C ASP A 46 -1.42 13.15 10.62
N ASP A 47 -1.17 13.00 11.92
CA ASP A 47 -1.67 13.95 12.92
C ASP A 47 -0.63 15.00 13.31
N GLY A 48 0.44 15.12 12.55
CA GLY A 48 1.49 16.10 12.80
C GLY A 48 2.82 15.44 13.07
N ILE A 49 3.86 16.26 13.15
CA ILE A 49 5.22 15.78 13.38
C ILE A 49 5.93 16.70 14.37
N GLU A 50 6.51 16.12 15.42
CA GLU A 50 7.28 16.87 16.41
C GLU A 50 8.63 17.18 15.78
N LYS A 51 8.69 18.34 15.11
CA LYS A 51 9.84 18.64 14.26
C LYS A 51 11.09 18.91 15.08
N ASN A 52 10.93 19.22 16.36
CA ASN A 52 12.06 19.45 17.26
C ASN A 52 12.44 18.19 18.04
N HIS A 53 11.90 17.04 17.69
CA HIS A 53 12.31 15.81 18.37
C HIS A 53 13.82 15.62 18.20
N PRO A 54 14.56 15.29 19.27
N PRO A 54 14.55 15.25 19.26
CA PRO A 54 16.01 15.13 19.13
CA PRO A 54 16.01 15.12 19.13
C PRO A 54 16.44 14.13 18.07
C PRO A 54 16.46 14.08 18.13
N ASP A 55 15.59 13.15 17.73
CA ASP A 55 15.95 12.17 16.70
C ASP A 55 15.34 12.50 15.34
N LEU A 56 14.61 13.60 15.21
CA LEU A 56 14.07 14.04 13.92
C LEU A 56 14.62 15.37 13.45
N ALA A 57 15.01 16.27 14.36
CA ALA A 57 15.35 17.63 13.98
C ALA A 57 16.44 17.67 12.90
N GLY A 58 17.44 16.79 13.00
CA GLY A 58 18.54 16.84 12.06
C GLY A 58 18.14 16.52 10.64
N ASN A 59 17.05 15.78 10.46
CA ASN A 59 16.55 15.42 9.14
C ASN A 59 15.28 16.16 8.76
N TYR A 60 14.77 17.01 9.63
CA TYR A 60 13.47 17.62 9.39
C TYR A 60 13.53 18.60 8.23
N ASP A 61 12.50 18.54 7.39
CA ASP A 61 12.41 19.36 6.18
C ASP A 61 11.12 20.15 6.18
N PRO A 62 11.15 21.46 6.43
CA PRO A 62 9.90 22.24 6.37
C PRO A 62 9.23 22.18 5.01
N GLY A 63 9.99 21.97 3.94
CA GLY A 63 9.43 21.88 2.61
C GLY A 63 8.71 20.58 2.35
N ALA A 64 8.76 19.64 3.30
CA ALA A 64 8.00 18.42 3.23
C ALA A 64 6.81 18.44 4.17
N SER A 65 6.43 19.62 4.67
CA SER A 65 5.48 19.71 5.76
C SER A 65 4.45 20.80 5.52
N PHE A 66 3.29 20.62 6.14
CA PHE A 66 2.25 21.63 6.14
C PHE A 66 1.21 21.23 7.18
N ASP A 67 0.42 22.20 7.61
CA ASP A 67 -0.67 21.97 8.55
C ASP A 67 -1.95 22.32 7.81
N VAL A 68 -2.61 21.30 7.24
N VAL A 68 -2.59 21.29 7.26
CA VAL A 68 -3.87 21.54 6.53
CA VAL A 68 -3.84 21.53 6.55
C VAL A 68 -5.09 21.54 7.46
C VAL A 68 -4.98 21.77 7.53
N ASN A 69 -4.92 21.17 8.73
CA ASN A 69 -6.01 21.31 9.68
C ASN A 69 -6.18 22.77 10.12
N ASP A 70 -5.07 23.45 10.41
CA ASP A 70 -5.12 24.85 10.84
C ASP A 70 -4.67 25.83 9.76
N GLN A 71 -4.32 25.36 8.58
CA GLN A 71 -3.94 26.21 7.45
C GLN A 71 -2.73 27.08 7.80
N ASP A 72 -1.63 26.42 8.09
CA ASP A 72 -0.36 27.10 8.33
C ASP A 72 0.76 26.14 7.97
N PRO A 73 2.00 26.61 7.92
CA PRO A 73 3.09 25.73 7.44
C PRO A 73 3.63 24.78 8.49
N ASP A 74 3.25 24.93 9.76
CA ASP A 74 3.92 24.30 10.88
C ASP A 74 3.12 23.09 11.35
N PRO A 75 3.60 21.86 11.13
CA PRO A 75 2.80 20.67 11.44
C PRO A 75 2.97 20.17 12.87
N GLN A 76 3.46 21.01 13.75
CA GLN A 76 3.66 20.59 15.13
C GLN A 76 2.37 19.98 15.68
N PRO A 77 2.44 18.85 16.39
CA PRO A 77 1.21 18.24 16.91
C PRO A 77 0.59 19.08 18.02
N ARG A 78 -0.71 18.87 18.19
CA ARG A 78 -1.45 19.40 19.33
C ARG A 78 -1.23 18.48 20.52
N TYR A 79 -0.64 19.03 21.59
CA TYR A 79 -0.32 18.25 22.77
C TYR A 79 -1.55 18.13 23.66
N THR A 80 -1.85 16.90 24.09
CA THR A 80 -3.00 16.59 24.93
C THR A 80 -2.56 15.61 26.01
N GLN A 81 -3.39 15.52 27.06
N GLN A 81 -3.36 15.51 27.07
CA GLN A 81 -3.08 14.65 28.18
CA GLN A 81 -2.93 14.64 28.16
C GLN A 81 -2.95 13.19 27.76
C GLN A 81 -3.02 13.16 27.83
N MET A 82 -3.69 12.77 26.74
CA MET A 82 -3.66 11.39 26.29
C MET A 82 -2.67 11.16 25.16
N ASN A 83 -1.91 12.18 24.77
CA ASN A 83 -0.91 12.06 23.71
C ASN A 83 -1.52 11.47 22.44
N ASP A 84 -2.72 11.94 22.13
CA ASP A 84 -3.47 11.47 20.97
C ASP A 84 -2.73 11.69 19.65
N ASN A 85 -2.02 12.81 19.53
CA ASN A 85 -1.45 13.23 18.25
C ASN A 85 0.01 12.86 18.12
N ARG A 86 0.34 11.63 18.50
CA ARG A 86 1.71 11.14 18.49
C ARG A 86 2.03 10.30 17.29
N HIS A 87 1.04 9.96 16.47
CA HIS A 87 1.27 8.89 15.50
C HIS A 87 2.20 9.34 14.37
N GLY A 88 2.05 10.58 13.90
CA GLY A 88 2.90 11.05 12.84
C GLY A 88 4.37 11.08 13.25
N THR A 89 4.63 11.45 14.51
CA THR A 89 5.99 11.45 15.04
C THR A 89 6.57 10.04 15.08
N ARG A 90 5.77 9.06 15.48
CA ARG A 90 6.21 7.67 15.45
C ARG A 90 6.55 7.24 14.03
N CYS A 91 5.68 7.58 13.07
CA CYS A 91 5.93 7.17 11.69
C CYS A 91 7.16 7.86 11.11
N ALA A 92 7.33 9.16 11.42
CA ALA A 92 8.48 9.88 10.87
C ALA A 92 9.79 9.23 11.29
N GLY A 93 9.87 8.81 12.56
CA GLY A 93 11.09 8.17 13.03
C GLY A 93 11.36 6.85 12.36
N GLU A 94 10.31 6.11 12.01
CA GLU A 94 10.51 4.86 11.30
C GLU A 94 11.22 5.08 9.98
N VAL A 95 10.85 6.16 9.28
CA VAL A 95 11.47 6.47 8.00
C VAL A 95 12.88 7.01 8.19
N ALA A 96 13.03 8.00 9.09
CA ALA A 96 14.21 8.86 8.99
C ALA A 96 14.71 9.37 10.33
N ALA A 97 14.53 8.61 11.41
CA ALA A 97 15.21 8.99 12.64
C ALA A 97 16.72 9.04 12.41
N VAL A 98 17.36 10.04 13.02
CA VAL A 98 18.80 10.26 12.87
C VAL A 98 19.58 9.10 13.45
N ALA A 99 20.70 8.76 12.80
CA ALA A 99 21.56 7.67 13.21
C ALA A 99 22.80 8.18 13.92
N ASN A 100 23.34 7.34 14.80
CA ASN A 100 24.65 7.55 15.43
C ASN A 100 24.70 8.83 16.28
N ASN A 101 23.58 9.15 16.93
CA ASN A 101 23.46 10.37 17.74
C ASN A 101 23.07 10.07 19.18
N GLY A 102 23.17 8.82 19.62
CA GLY A 102 22.94 8.48 21.00
C GLY A 102 21.50 8.57 21.45
N VAL A 103 20.55 8.69 20.52
CA VAL A 103 19.14 8.88 20.83
C VAL A 103 18.34 7.78 20.15
N CYS A 104 17.45 7.14 20.91
N CYS A 104 17.41 7.19 20.90
CA CYS A 104 16.50 6.14 20.42
CA CYS A 104 16.47 6.18 20.39
C CYS A 104 17.15 5.21 19.41
C CYS A 104 17.15 5.23 19.41
N GLY A 105 16.52 4.99 18.26
CA GLY A 105 17.07 4.11 17.24
C GLY A 105 17.42 4.86 15.98
N VAL A 106 17.13 4.26 14.81
CA VAL A 106 17.40 4.88 13.53
C VAL A 106 16.22 4.67 12.58
N GLY A 107 16.13 5.56 11.60
CA GLY A 107 15.22 5.34 10.49
C GLY A 107 15.76 4.34 9.48
N VAL A 108 14.87 3.75 8.70
CA VAL A 108 15.30 2.94 7.58
C VAL A 108 16.18 3.75 6.66
N ALA A 109 15.76 4.98 6.37
CA ALA A 109 16.49 5.91 5.52
C ALA A 109 16.98 7.07 6.39
N TYR A 110 17.98 6.78 7.20
CA TYR A 110 18.34 7.69 8.27
C TYR A 110 19.08 8.93 7.79
N ASN A 111 19.36 9.04 6.48
CA ASN A 111 19.86 10.29 5.91
C ASN A 111 18.86 10.95 4.98
N ALA A 112 17.63 10.44 4.92
CA ALA A 112 16.58 11.13 4.16
C ALA A 112 16.12 12.36 4.93
N ARG A 113 15.49 13.27 4.21
CA ARG A 113 14.77 14.38 4.83
C ARG A 113 13.32 13.97 5.03
N ILE A 114 12.74 14.44 6.13
CA ILE A 114 11.44 13.97 6.60
C ILE A 114 10.58 15.16 6.98
N GLY A 115 9.33 15.15 6.55
CA GLY A 115 8.36 16.13 7.00
C GLY A 115 7.05 15.44 7.30
N GLY A 116 6.06 16.26 7.66
CA GLY A 116 4.75 15.74 7.97
C GLY A 116 3.67 16.71 7.57
N VAL A 117 2.54 16.17 7.14
CA VAL A 117 1.33 16.93 6.92
C VAL A 117 0.40 16.67 8.10
N ARG A 118 0.10 17.73 8.85
CA ARG A 118 -0.88 17.65 9.91
C ARG A 118 -2.24 17.77 9.23
N MET A 119 -2.91 16.64 9.06
N MET A 119 -2.92 16.63 9.06
CA MET A 119 -4.18 16.58 8.37
CA MET A 119 -4.20 16.62 8.37
C MET A 119 -5.27 15.84 9.13
C MET A 119 -5.24 15.68 8.98
N LEU A 120 -4.92 14.93 10.04
CA LEU A 120 -5.90 14.09 10.70
C LEU A 120 -6.49 14.69 11.97
N ASP A 121 -5.96 15.81 12.44
CA ASP A 121 -6.40 16.39 13.71
C ASP A 121 -7.42 17.50 13.43
N GLY A 122 -8.55 17.07 12.89
CA GLY A 122 -9.58 17.94 12.40
C GLY A 122 -10.48 17.15 11.47
N GLU A 123 -11.50 17.84 10.96
CA GLU A 123 -12.41 17.22 10.01
C GLU A 123 -11.66 16.94 8.71
N VAL A 124 -11.64 15.68 8.28
CA VAL A 124 -10.96 15.31 7.05
C VAL A 124 -11.98 15.34 5.91
N THR A 125 -11.90 16.38 5.10
CA THR A 125 -12.72 16.55 3.91
C THR A 125 -11.93 16.16 2.67
N ASP A 126 -12.63 16.05 1.55
CA ASP A 126 -11.98 15.84 0.26
C ASP A 126 -10.91 16.90 0.00
N ALA A 127 -11.22 18.17 0.29
CA ALA A 127 -10.25 19.23 0.08
C ALA A 127 -9.01 19.07 0.96
N VAL A 128 -9.20 18.70 2.23
CA VAL A 128 -8.06 18.43 3.11
C VAL A 128 -7.18 17.32 2.53
N GLU A 129 -7.82 16.24 2.09
CA GLU A 129 -7.06 15.12 1.52
C GLU A 129 -6.29 15.56 0.29
N ALA A 130 -6.95 16.31 -0.60
CA ALA A 130 -6.31 16.73 -1.85
C ALA A 130 -5.13 17.65 -1.59
N ARG A 131 -5.28 18.57 -0.64
CA ARG A 131 -4.19 19.51 -0.35
C ARG A 131 -3.03 18.82 0.33
N SER A 132 -3.28 17.67 0.96
CA SER A 132 -2.22 16.90 1.60
C SER A 132 -1.49 16.03 0.59
N LEU A 133 -2.25 15.27 -0.21
CA LEU A 133 -1.66 14.45 -1.26
C LEU A 133 -0.91 15.29 -2.27
N GLY A 134 -1.35 16.53 -2.50
CA GLY A 134 -0.72 17.38 -3.48
C GLY A 134 0.28 18.36 -2.92
N LEU A 135 0.74 18.14 -1.69
CA LEU A 135 1.70 19.06 -1.08
C LEU A 135 3.03 18.99 -1.81
N ASN A 136 3.51 20.14 -2.26
CA ASN A 136 4.86 20.34 -2.79
C ASN A 136 5.36 19.13 -3.61
N PRO A 137 4.67 18.79 -4.70
CA PRO A 137 4.93 17.52 -5.39
C PRO A 137 6.20 17.51 -6.24
N ASN A 138 6.86 18.64 -6.38
CA ASN A 138 8.16 18.66 -7.02
C ASN A 138 9.29 18.76 -6.02
N HIS A 139 8.98 18.69 -4.74
CA HIS A 139 9.97 18.59 -3.68
C HIS A 139 9.89 17.26 -2.94
N ILE A 140 8.70 16.84 -2.54
CA ILE A 140 8.51 15.58 -1.84
C ILE A 140 8.54 14.45 -2.86
N HIS A 141 9.31 13.40 -2.57
CA HIS A 141 9.37 12.25 -3.47
C HIS A 141 8.34 11.20 -3.11
N ILE A 142 8.19 10.94 -1.82
CA ILE A 142 7.44 9.81 -1.30
C ILE A 142 6.51 10.31 -0.20
N TYR A 143 5.25 9.91 -0.28
CA TYR A 143 4.24 10.20 0.73
C TYR A 143 3.88 8.91 1.42
N SER A 144 3.77 8.94 2.75
CA SER A 144 3.42 7.76 3.53
C SER A 144 2.11 8.05 4.25
N ALA A 145 1.11 7.19 4.04
CA ALA A 145 -0.20 7.35 4.66
C ALA A 145 -0.62 6.05 5.32
N SER A 146 -0.96 6.11 6.60
CA SER A 146 -1.21 4.91 7.37
C SER A 146 -2.69 4.65 7.64
N TRP A 147 -3.57 5.46 7.07
CA TRP A 147 -4.97 5.48 7.44
C TRP A 147 -5.84 5.73 6.22
N GLY A 148 -7.12 5.48 6.38
CA GLY A 148 -8.08 5.58 5.31
C GLY A 148 -9.46 5.65 5.89
N PRO A 149 -10.47 5.20 5.16
CA PRO A 149 -11.82 5.13 5.73
C PRO A 149 -11.84 4.22 6.95
N GLU A 150 -12.83 4.44 7.80
CA GLU A 150 -12.94 3.68 9.04
C GLU A 150 -12.82 2.19 8.78
N ASP A 151 -12.00 1.53 9.60
CA ASP A 151 -11.78 0.09 9.54
C ASP A 151 -12.83 -0.67 10.37
N ASP A 152 -14.10 -0.34 10.18
CA ASP A 152 -15.17 -0.96 10.95
C ASP A 152 -15.73 -2.21 10.28
N GLY A 153 -15.24 -2.57 9.10
CA GLY A 153 -15.71 -3.73 8.40
C GLY A 153 -17.07 -3.55 7.74
N LYS A 154 -17.56 -2.32 7.66
CA LYS A 154 -18.83 -2.07 7.00
C LYS A 154 -18.80 -0.89 6.06
N THR A 155 -17.68 -0.20 5.95
CA THR A 155 -17.55 0.98 5.12
C THR A 155 -17.00 0.61 3.75
N VAL A 156 -17.57 1.22 2.71
CA VAL A 156 -16.99 1.24 1.37
C VAL A 156 -16.81 2.70 1.03
N ASP A 157 -15.57 3.16 0.94
CA ASP A 157 -15.34 4.55 0.59
C ASP A 157 -13.90 4.69 0.10
N GLY A 158 -13.66 5.79 -0.57
CA GLY A 158 -12.38 6.08 -1.18
C GLY A 158 -12.27 7.55 -1.47
N PRO A 159 -11.21 7.95 -2.15
CA PRO A 159 -11.02 9.36 -2.47
C PRO A 159 -12.18 9.90 -3.29
N ALA A 160 -12.70 11.04 -2.86
CA ALA A 160 -13.68 11.79 -3.62
C ALA A 160 -12.93 12.55 -4.71
N ARG A 161 -13.60 13.50 -5.36
CA ARG A 161 -13.09 13.97 -6.65
C ARG A 161 -11.76 14.71 -6.51
N LEU A 162 -11.65 15.63 -5.55
CA LEU A 162 -10.39 16.38 -5.42
C LEU A 162 -9.23 15.45 -5.08
N ALA A 163 -9.45 14.50 -4.17
CA ALA A 163 -8.38 13.61 -3.79
C ALA A 163 -7.98 12.70 -4.93
N GLU A 164 -8.95 12.20 -5.70
N GLU A 164 -8.97 12.22 -5.69
CA GLU A 164 -8.56 11.38 -6.85
CA GLU A 164 -8.66 11.41 -6.86
C GLU A 164 -7.82 12.22 -7.89
C GLU A 164 -7.87 12.20 -7.88
N GLU A 165 -8.26 13.45 -8.11
CA GLU A 165 -7.49 14.33 -9.00
C GLU A 165 -6.08 14.54 -8.48
N ALA A 166 -5.92 14.62 -7.15
CA ALA A 166 -4.58 14.76 -6.58
C ALA A 166 -3.72 13.53 -6.85
N PHE A 167 -4.30 12.34 -6.75
CA PHE A 167 -3.54 11.14 -7.13
C PHE A 167 -3.12 11.21 -8.61
N PHE A 168 -4.03 11.57 -9.51
N PHE A 168 -4.09 11.53 -9.49
CA PHE A 168 -3.62 11.52 -10.91
CA PHE A 168 -3.86 11.66 -10.92
C PHE A 168 -2.64 12.65 -11.25
C PHE A 168 -2.68 12.60 -11.17
N ARG A 169 -2.81 13.82 -10.65
CA ARG A 169 -1.80 14.87 -10.86
C ARG A 169 -0.47 14.44 -10.30
N GLY A 170 -0.49 13.77 -9.14
CA GLY A 170 0.74 13.35 -8.50
C GLY A 170 1.52 12.36 -9.34
N VAL A 171 0.86 11.29 -9.80
CA VAL A 171 1.60 10.29 -10.54
C VAL A 171 1.94 10.76 -11.94
N SER A 172 1.22 11.76 -12.48
CA SER A 172 1.44 12.19 -13.84
C SER A 172 2.50 13.28 -13.92
N GLN A 173 2.34 14.34 -13.13
CA GLN A 173 3.24 15.48 -13.20
C GLN A 173 4.16 15.58 -11.99
N GLY A 174 3.85 14.92 -10.89
CA GLY A 174 4.71 15.00 -9.72
C GLY A 174 6.10 14.46 -9.99
N ARG A 175 7.04 14.90 -9.17
CA ARG A 175 8.43 14.42 -9.22
C ARG A 175 8.98 14.54 -10.63
N GLY A 176 8.82 15.72 -11.22
CA GLY A 176 9.37 15.97 -12.54
C GLY A 176 8.80 15.11 -13.63
N GLY A 177 7.59 14.62 -13.45
CA GLY A 177 6.94 13.75 -14.41
C GLY A 177 7.17 12.28 -14.17
N LEU A 178 7.99 11.93 -13.18
CA LEU A 178 8.19 10.53 -12.85
C LEU A 178 7.09 9.97 -11.96
N GLY A 179 6.39 10.85 -11.24
CA GLY A 179 5.24 10.49 -10.44
C GLY A 179 5.53 10.38 -8.96
N SER A 180 4.74 11.08 -8.14
CA SER A 180 4.75 10.90 -6.70
C SER A 180 4.59 9.42 -6.37
N ILE A 181 5.32 8.97 -5.37
CA ILE A 181 5.17 7.61 -4.85
C ILE A 181 4.34 7.70 -3.59
N PHE A 182 3.12 7.17 -3.65
CA PHE A 182 2.19 7.14 -2.52
C PHE A 182 2.23 5.76 -1.90
N VAL A 183 2.73 5.66 -0.67
CA VAL A 183 2.81 4.40 0.06
C VAL A 183 1.67 4.37 1.07
N TRP A 184 0.91 3.27 1.09
CA TRP A 184 -0.31 3.20 1.88
C TRP A 184 -0.33 1.94 2.72
N ALA A 185 -0.85 2.06 3.94
CA ALA A 185 -1.17 0.91 4.77
C ALA A 185 -2.48 0.30 4.34
N SER A 186 -2.53 -1.03 4.27
CA SER A 186 -3.74 -1.67 3.77
C SER A 186 -4.88 -1.73 4.78
N GLY A 187 -4.64 -1.45 6.06
CA GLY A 187 -5.71 -1.32 7.04
C GLY A 187 -5.48 -2.07 8.33
N ASN A 188 -6.21 -1.67 9.37
CA ASN A 188 -6.13 -2.31 10.69
C ASN A 188 -7.42 -3.01 11.09
N GLY A 189 -8.29 -3.31 10.14
CA GLY A 189 -9.63 -3.82 10.44
C GLY A 189 -9.80 -5.32 10.57
N GLY A 190 -8.71 -6.04 10.80
CA GLY A 190 -8.79 -7.50 10.86
C GLY A 190 -9.80 -8.04 11.85
N ARG A 191 -9.91 -7.45 13.04
CA ARG A 191 -10.82 -8.05 14.01
C ARG A 191 -12.27 -7.81 13.62
N GLU A 192 -12.52 -6.84 12.76
CA GLU A 192 -13.84 -6.58 12.20
C GLU A 192 -14.06 -7.32 10.90
N HIS A 193 -13.15 -8.22 10.54
CA HIS A 193 -13.23 -8.96 9.27
C HIS A 193 -13.32 -8.02 8.08
N ASP A 194 -12.60 -6.91 8.16
CA ASP A 194 -12.58 -5.99 7.04
C ASP A 194 -11.82 -6.59 5.87
N SER A 195 -12.15 -6.13 4.67
CA SER A 195 -11.65 -6.65 3.40
C SER A 195 -11.17 -5.41 2.66
N CYS A 196 -9.86 -5.28 2.43
CA CYS A 196 -9.33 -3.93 2.19
C CYS A 196 -9.55 -3.40 0.77
N ASN A 197 -10.09 -4.17 -0.17
CA ASN A 197 -10.45 -3.51 -1.43
C ASN A 197 -11.63 -2.57 -1.27
N CYS A 198 -12.31 -2.60 -0.12
CA CYS A 198 -13.36 -1.65 0.22
C CYS A 198 -12.83 -0.31 0.69
N ASP A 199 -11.50 -0.15 0.75
CA ASP A 199 -10.81 1.10 1.06
C ASP A 199 -10.20 1.58 -0.25
N GLY A 200 -10.79 2.62 -0.83
CA GLY A 200 -10.38 3.07 -2.16
C GLY A 200 -9.01 3.71 -2.21
N TYR A 201 -8.42 4.02 -1.06
CA TYR A 201 -7.05 4.56 -1.05
C TYR A 201 -6.06 3.43 -1.27
N THR A 202 -6.14 2.38 -0.45
CA THR A 202 -5.23 1.26 -0.64
C THR A 202 -5.56 0.48 -1.92
N ASN A 203 -6.84 0.44 -2.32
CA ASN A 203 -7.26 -0.25 -3.53
C ASN A 203 -6.85 0.48 -4.82
N SER A 204 -6.35 1.70 -4.72
CA SER A 204 -5.89 2.44 -5.87
C SER A 204 -4.66 1.82 -6.51
N ILE A 205 -4.58 1.92 -7.84
CA ILE A 205 -3.34 1.55 -8.51
C ILE A 205 -2.23 2.56 -8.22
N TYR A 206 -2.59 3.77 -7.81
CA TYR A 206 -1.62 4.84 -7.61
C TYR A 206 -0.94 4.76 -6.28
N THR A 207 -1.41 3.89 -5.38
CA THR A 207 -0.78 3.71 -4.09
C THR A 207 -0.10 2.36 -4.05
N LEU A 208 1.06 2.35 -3.41
CA LEU A 208 1.87 1.15 -3.24
C LEU A 208 1.52 0.62 -1.85
N SER A 209 0.67 -0.41 -1.82
CA SER A 209 0.00 -0.82 -0.59
C SER A 209 0.73 -1.94 0.14
N ILE A 210 0.77 -1.80 1.47
CA ILE A 210 1.63 -2.58 2.35
C ILE A 210 0.81 -3.15 3.49
N SER A 211 1.00 -4.46 3.76
CA SER A 211 0.43 -5.17 4.90
C SER A 211 1.55 -5.55 5.89
N SER A 212 1.15 -6.26 6.94
CA SER A 212 2.04 -6.55 8.06
C SER A 212 2.26 -8.04 8.28
N ALA A 213 3.39 -8.36 8.86
CA ALA A 213 3.69 -9.68 9.39
C ALA A 213 4.20 -9.54 10.82
N THR A 214 3.86 -10.51 11.68
CA THR A 214 4.37 -10.49 13.04
C THR A 214 5.80 -11.01 13.08
N GLN A 215 6.46 -10.83 14.23
CA GLN A 215 7.85 -11.22 14.35
C GLN A 215 8.05 -12.69 14.02
N PHE A 216 7.12 -13.54 14.43
CA PHE A 216 7.23 -14.98 14.19
C PHE A 216 6.71 -15.37 12.82
N GLY A 217 6.39 -14.39 11.98
CA GLY A 217 6.03 -14.67 10.60
C GLY A 217 4.57 -14.95 10.36
N ASN A 218 3.68 -14.44 11.20
CA ASN A 218 2.26 -14.75 11.08
C ASN A 218 1.44 -13.53 10.68
N VAL A 219 0.19 -13.78 10.30
CA VAL A 219 -0.73 -12.71 9.91
C VAL A 219 -1.28 -12.09 11.19
N PRO A 220 -1.00 -10.82 11.48
CA PRO A 220 -1.44 -10.24 12.75
C PRO A 220 -2.95 -10.14 12.86
N TRP A 221 -3.42 -10.08 14.11
CA TRP A 221 -4.86 -9.97 14.36
C TRP A 221 -5.51 -8.84 13.58
N TYR A 222 -4.78 -7.73 13.35
CA TYR A 222 -5.37 -6.53 12.76
C TYR A 222 -5.32 -6.50 11.23
N SER A 223 -4.69 -7.49 10.60
CA SER A 223 -4.48 -7.44 9.16
C SER A 223 -5.79 -7.62 8.38
N GLU A 224 -5.89 -6.91 7.27
CA GLU A 224 -6.95 -7.07 6.29
C GLU A 224 -6.36 -7.74 5.06
N ALA A 225 -7.02 -8.78 4.57
CA ALA A 225 -6.64 -9.40 3.33
C ALA A 225 -7.32 -8.72 2.16
N CYS A 226 -6.59 -8.54 1.06
CA CYS A 226 -7.23 -8.13 -0.18
C CYS A 226 -6.25 -8.26 -1.33
N SER A 227 -6.80 -8.27 -2.55
CA SER A 227 -6.00 -8.48 -3.74
C SER A 227 -5.22 -7.24 -4.15
N SER A 228 -5.52 -6.07 -3.58
CA SER A 228 -4.83 -4.85 -4.00
C SER A 228 -3.48 -4.67 -3.31
N THR A 229 -3.21 -5.41 -2.23
CA THR A 229 -1.94 -5.27 -1.52
C THR A 229 -0.78 -5.74 -2.40
N LEU A 230 0.35 -5.07 -2.28
N LEU A 230 0.34 -5.05 -2.31
CA LEU A 230 1.54 -5.39 -3.06
CA LEU A 230 1.54 -5.43 -3.08
C LEU A 230 2.61 -6.12 -2.28
C LEU A 230 2.58 -6.18 -2.25
N ALA A 231 2.82 -5.78 -1.01
CA ALA A 231 3.92 -6.35 -0.23
C ALA A 231 3.69 -6.12 1.26
N THR A 232 4.68 -6.53 2.05
CA THR A 232 4.58 -6.64 3.51
C THR A 232 5.83 -6.08 4.19
N THR A 233 5.63 -5.47 5.35
CA THR A 233 6.74 -5.25 6.27
C THR A 233 6.35 -5.76 7.64
N TYR A 234 7.35 -6.01 8.46
CA TYR A 234 7.11 -6.44 9.83
C TYR A 234 6.41 -5.34 10.63
N SER A 235 5.58 -5.79 11.57
CA SER A 235 5.02 -4.92 12.59
C SER A 235 4.71 -5.77 13.81
N SER A 236 3.75 -5.34 14.62
CA SER A 236 3.44 -5.94 15.90
C SER A 236 2.55 -7.18 15.74
N GLY A 237 2.47 -7.94 16.84
CA GLY A 237 1.68 -9.14 16.91
C GLY A 237 1.18 -9.37 18.32
N ASN A 238 1.45 -10.55 18.87
CA ASN A 238 0.99 -10.90 20.22
C ASN A 238 1.98 -10.36 21.24
N GLN A 239 1.75 -10.64 22.52
CA GLN A 239 2.56 -9.97 23.54
C GLN A 239 3.88 -10.68 23.81
N ASN A 240 4.15 -11.79 23.12
CA ASN A 240 5.46 -12.42 23.11
C ASN A 240 6.32 -11.96 21.94
N GLU A 241 5.74 -11.21 21.01
CA GLU A 241 6.42 -10.73 19.82
C GLU A 241 6.77 -9.26 20.00
N LYS A 242 7.92 -8.87 19.48
CA LYS A 242 8.35 -7.49 19.62
C LYS A 242 7.55 -6.59 18.69
N GLN A 243 7.69 -5.28 18.90
CA GLN A 243 6.93 -4.28 18.16
C GLN A 243 7.88 -3.29 17.50
N ILE A 244 7.35 -2.16 17.04
CA ILE A 244 8.17 -1.19 16.32
C ILE A 244 8.72 -0.17 17.32
N VAL A 245 10.00 0.14 17.17
CA VAL A 245 10.76 0.99 18.08
C VAL A 245 11.05 2.27 17.34
N THR A 246 10.63 3.40 17.89
CA THR A 246 10.72 4.64 17.12
C THR A 246 10.59 5.86 18.04
N THR A 247 10.67 7.03 17.43
CA THR A 247 10.48 8.31 18.09
C THR A 247 9.04 8.45 18.54
N ASP A 248 8.85 9.13 19.68
CA ASP A 248 7.52 9.35 20.23
C ASP A 248 7.38 10.81 20.64
N LEU A 249 6.13 11.23 20.72
CA LEU A 249 5.78 12.57 21.16
C LEU A 249 6.40 12.89 22.51
N ARG A 250 6.69 14.17 22.71
CA ARG A 250 7.35 14.72 23.90
C ARG A 250 8.80 14.25 24.01
N GLN A 251 9.44 14.10 22.85
CA GLN A 251 10.89 13.90 22.75
C GLN A 251 11.32 12.60 23.40
N LYS A 252 10.49 11.59 23.27
CA LYS A 252 10.65 10.28 23.88
C LYS A 252 10.91 9.22 22.81
N CYS A 253 11.04 7.99 23.28
N CYS A 253 11.24 8.02 23.26
CA CYS A 253 11.31 6.82 22.44
CA CYS A 253 11.21 6.87 22.39
C CYS A 253 10.35 5.70 22.85
C CYS A 253 10.02 6.00 22.80
N THR A 254 9.61 5.14 21.88
CA THR A 254 8.66 4.09 22.17
C THR A 254 9.16 2.77 21.62
N GLU A 255 8.82 1.69 22.32
CA GLU A 255 9.03 0.33 21.82
C GLU A 255 7.72 -0.35 21.50
N SER A 256 6.61 0.38 21.44
CA SER A 256 5.29 -0.23 21.31
C SER A 256 4.45 0.44 20.24
N HIS A 257 5.07 0.73 19.11
CA HIS A 257 4.36 1.19 17.91
C HIS A 257 3.88 -0.05 17.15
N THR A 258 2.64 -0.01 16.65
CA THR A 258 1.93 -1.22 16.26
C THR A 258 1.11 -1.03 15.00
N GLY A 259 0.61 -2.15 14.48
CA GLY A 259 -0.41 -2.15 13.44
C GLY A 259 0.15 -2.02 12.03
N THR A 260 -0.75 -2.19 11.06
CA THR A 260 -0.35 -1.98 9.68
C THR A 260 0.04 -0.53 9.45
N SER A 261 -0.52 0.36 10.26
CA SER A 261 -0.16 1.77 10.23
C SER A 261 1.29 2.01 10.63
N ALA A 262 1.98 1.03 11.24
CA ALA A 262 3.43 1.11 11.42
C ALA A 262 4.20 0.44 10.29
N SER A 263 3.53 -0.35 9.44
CA SER A 263 4.23 -1.02 8.34
C SER A 263 4.47 -0.07 7.17
N ALA A 264 3.50 0.79 6.85
CA ALA A 264 3.68 1.65 5.69
C ALA A 264 4.91 2.55 5.81
N PRO A 265 5.20 3.16 6.97
CA PRO A 265 6.41 3.99 7.03
C PRO A 265 7.69 3.21 6.80
N LEU A 266 7.79 1.98 7.30
CA LEU A 266 8.98 1.19 7.01
C LEU A 266 9.15 0.97 5.53
N ALA A 267 8.03 0.66 4.84
CA ALA A 267 8.07 0.54 3.38
C ALA A 267 8.52 1.84 2.72
N ALA A 268 7.98 2.97 3.18
CA ALA A 268 8.37 4.27 2.63
C ALA A 268 9.88 4.49 2.76
N GLY A 269 10.45 4.10 3.89
CA GLY A 269 11.90 4.19 4.04
C GLY A 269 12.65 3.31 3.08
N ILE A 270 12.18 2.09 2.86
CA ILE A 270 12.85 1.21 1.90
C ILE A 270 12.75 1.79 0.50
N ILE A 271 11.59 2.35 0.17
CA ILE A 271 11.43 3.00 -1.13
C ILE A 271 12.36 4.20 -1.25
N ALA A 272 12.59 4.91 -0.16
CA ALA A 272 13.55 6.03 -0.20
C ALA A 272 14.96 5.53 -0.51
N LEU A 273 15.38 4.43 0.11
CA LEU A 273 16.69 3.88 -0.23
C LEU A 273 16.77 3.52 -1.71
N THR A 274 15.69 2.92 -2.22
CA THR A 274 15.61 2.48 -3.61
C THR A 274 15.70 3.67 -4.56
N LEU A 275 14.97 4.75 -4.25
N LEU A 275 15.00 4.77 -4.23
CA LEU A 275 15.03 5.96 -5.06
CA LEU A 275 15.04 5.95 -5.08
C LEU A 275 16.45 6.53 -5.08
C LEU A 275 16.40 6.62 -5.04
N GLU A 276 17.12 6.54 -3.92
CA GLU A 276 18.50 7.03 -3.92
C GLU A 276 19.34 6.23 -4.90
N ALA A 277 19.08 4.93 -4.98
CA ALA A 277 19.84 4.07 -5.89
C ALA A 277 19.53 4.34 -7.35
N ASN A 278 18.35 4.90 -7.66
CA ASN A 278 18.03 5.25 -9.04
C ASN A 278 16.94 6.33 -8.99
N LYS A 279 17.36 7.59 -9.10
CA LYS A 279 16.42 8.69 -8.95
C LYS A 279 15.48 8.81 -10.13
N ASN A 280 15.72 8.07 -11.20
N ASN A 280 15.72 8.09 -11.22
CA ASN A 280 14.91 8.15 -12.40
CA ASN A 280 14.88 8.15 -12.41
C ASN A 280 13.75 7.16 -12.41
C ASN A 280 13.85 7.04 -12.46
N LEU A 281 13.59 6.37 -11.34
CA LEU A 281 12.50 5.41 -11.28
C LEU A 281 11.16 6.13 -11.31
N THR A 282 10.23 5.63 -12.13
CA THR A 282 8.87 6.15 -12.12
C THR A 282 8.05 5.49 -11.02
N TRP A 283 6.84 6.02 -10.82
CA TRP A 283 5.95 5.45 -9.82
C TRP A 283 5.60 4.01 -10.16
N ARG A 284 5.50 3.69 -11.46
CA ARG A 284 5.24 2.31 -11.87
C ARG A 284 6.49 1.46 -11.75
N ASP A 285 7.66 2.00 -12.11
CA ASP A 285 8.90 1.26 -11.92
C ASP A 285 9.00 0.76 -10.49
N MET A 286 8.63 1.62 -9.53
CA MET A 286 8.81 1.27 -8.13
C MET A 286 7.93 0.08 -7.77
N GLN A 287 6.72 0.03 -8.31
CA GLN A 287 5.83 -1.11 -8.05
C GLN A 287 6.38 -2.39 -8.68
N HIS A 288 6.94 -2.30 -9.89
CA HIS A 288 7.60 -3.45 -10.50
C HIS A 288 8.73 -3.98 -9.63
N LEU A 289 9.56 -3.08 -9.09
CA LEU A 289 10.66 -3.52 -8.25
C LEU A 289 10.15 -4.29 -7.03
N VAL A 290 9.09 -3.78 -6.41
CA VAL A 290 8.49 -4.46 -5.26
C VAL A 290 7.99 -5.84 -5.65
N VAL A 291 7.31 -5.95 -6.80
CA VAL A 291 6.80 -7.26 -7.21
C VAL A 291 7.93 -8.24 -7.40
N GLN A 292 9.01 -7.81 -8.05
CA GLN A 292 10.09 -8.72 -8.42
C GLN A 292 10.98 -9.11 -7.25
N THR A 293 11.12 -8.25 -6.22
CA THR A 293 12.11 -8.50 -5.18
C THR A 293 11.53 -8.95 -3.86
N SER A 294 10.22 -8.88 -3.66
CA SER A 294 9.68 -9.23 -2.36
C SER A 294 9.69 -10.75 -2.15
N LYS A 295 9.76 -11.13 -0.87
CA LYS A 295 10.12 -12.49 -0.48
C LYS A 295 9.03 -13.17 0.33
N PRO A 296 8.40 -14.23 -0.18
CA PRO A 296 7.42 -14.96 0.64
C PRO A 296 8.02 -15.76 1.77
N ALA A 297 9.31 -16.09 1.73
CA ALA A 297 9.84 -17.11 2.61
C ALA A 297 9.56 -16.77 4.06
N HIS A 298 9.12 -17.77 4.81
CA HIS A 298 8.90 -17.70 6.25
C HIS A 298 7.72 -16.84 6.66
N LEU A 299 6.92 -16.38 5.71
CA LEU A 299 5.64 -15.76 6.04
C LEU A 299 4.55 -16.83 5.94
N ASN A 300 3.86 -17.08 7.03
CA ASN A 300 2.86 -18.13 7.12
C ASN A 300 1.48 -17.61 6.71
N ALA A 301 0.87 -18.28 5.72
CA ALA A 301 -0.50 -18.01 5.32
C ALA A 301 -1.04 -19.25 4.62
N ASN A 302 -2.35 -19.44 4.65
CA ASN A 302 -2.93 -20.62 4.02
C ASN A 302 -3.35 -20.34 2.58
N ASP A 303 -3.06 -19.16 2.04
CA ASP A 303 -3.52 -18.81 0.71
C ASP A 303 -2.39 -18.48 -0.25
N TRP A 304 -1.16 -18.88 0.04
CA TRP A 304 -0.10 -18.67 -0.93
C TRP A 304 -0.44 -19.46 -2.20
N ALA A 305 -0.40 -18.77 -3.33
CA ALA A 305 -0.71 -19.37 -4.61
C ALA A 305 0.27 -18.86 -5.63
N THR A 306 0.65 -19.74 -6.56
CA THR A 306 1.57 -19.37 -7.63
C THR A 306 0.77 -18.84 -8.80
N ASN A 307 1.10 -17.63 -9.24
CA ASN A 307 0.37 -17.02 -10.34
C ASN A 307 0.96 -17.49 -11.68
N GLY A 308 0.51 -16.85 -12.76
CA GLY A 308 0.81 -17.35 -14.08
C GLY A 308 2.24 -17.15 -14.52
N VAL A 309 3.00 -16.31 -13.83
CA VAL A 309 4.41 -16.11 -14.13
C VAL A 309 5.28 -16.66 -13.02
N GLY A 310 4.73 -17.56 -12.19
CA GLY A 310 5.53 -18.31 -11.25
C GLY A 310 5.85 -17.62 -9.94
N ARG A 311 5.24 -16.47 -9.67
CA ARG A 311 5.44 -15.79 -8.39
C ARG A 311 4.38 -16.22 -7.39
N LYS A 312 4.79 -16.42 -6.15
CA LYS A 312 3.85 -16.71 -5.08
C LYS A 312 3.23 -15.41 -4.59
N VAL A 313 1.93 -15.44 -4.35
N VAL A 313 1.92 -15.44 -4.38
CA VAL A 313 1.21 -14.24 -3.92
CA VAL A 313 1.18 -14.28 -3.92
C VAL A 313 0.10 -14.65 -2.95
C VAL A 313 0.18 -14.72 -2.86
N SER A 314 -0.08 -13.82 -1.92
CA SER A 314 -1.04 -14.02 -0.85
C SER A 314 -1.89 -12.76 -0.71
N HIS A 315 -3.15 -12.94 -0.32
CA HIS A 315 -3.97 -11.77 -0.07
C HIS A 315 -3.62 -11.09 1.25
N SER A 316 -2.89 -11.77 2.14
CA SER A 316 -2.45 -11.14 3.37
C SER A 316 -1.14 -10.39 3.18
N TYR A 317 -0.30 -10.86 2.27
CA TYR A 317 1.07 -10.39 2.19
C TYR A 317 1.45 -9.82 0.83
N GLY A 318 0.57 -9.89 -0.16
CA GLY A 318 0.98 -9.56 -1.51
C GLY A 318 2.09 -10.50 -1.96
N TYR A 319 3.16 -9.93 -2.51
CA TYR A 319 4.29 -10.71 -3.00
C TYR A 319 5.29 -11.05 -1.91
N GLY A 320 5.02 -10.65 -0.67
CA GLY A 320 5.85 -11.03 0.43
C GLY A 320 6.55 -9.87 1.11
N LEU A 321 7.55 -10.21 1.92
N LEU A 321 7.60 -10.19 1.85
CA LEU A 321 8.31 -9.21 2.64
CA LEU A 321 8.31 -9.21 2.66
C LEU A 321 9.12 -8.34 1.68
C LEU A 321 9.23 -8.36 1.80
N LEU A 322 9.17 -7.05 1.98
CA LEU A 322 10.11 -6.17 1.29
C LEU A 322 11.53 -6.58 1.66
N ASP A 323 12.42 -6.46 0.68
CA ASP A 323 13.83 -6.83 0.80
C ASP A 323 14.62 -5.62 0.32
N ALA A 324 15.12 -4.83 1.27
CA ALA A 324 15.75 -3.56 0.89
C ALA A 324 17.02 -3.78 0.07
N GLY A 325 17.88 -4.71 0.47
CA GLY A 325 19.08 -4.96 -0.31
C GLY A 325 18.76 -5.34 -1.74
N ALA A 326 17.73 -6.17 -1.93
CA ALA A 326 17.37 -6.60 -3.28
C ALA A 326 16.76 -5.45 -4.07
N MET A 327 15.94 -4.63 -3.41
CA MET A 327 15.37 -3.46 -4.06
C MET A 327 16.45 -2.54 -4.60
N VAL A 328 17.43 -2.17 -3.76
CA VAL A 328 18.41 -1.20 -4.21
C VAL A 328 19.32 -1.79 -5.28
N ALA A 329 19.58 -3.10 -5.20
CA ALA A 329 20.43 -3.75 -6.19
C ALA A 329 19.75 -3.77 -7.56
N LEU A 330 18.47 -4.11 -7.60
CA LEU A 330 17.75 -4.19 -8.87
C LEU A 330 17.44 -2.80 -9.43
N ALA A 331 17.31 -1.80 -8.56
CA ALA A 331 17.04 -0.45 -9.03
C ALA A 331 18.18 0.11 -9.89
N GLN A 332 19.41 -0.25 -9.58
CA GLN A 332 20.53 0.51 -10.13
C GLN A 332 20.56 0.49 -11.64
N ASN A 333 20.33 -0.67 -12.26
N ASN A 333 20.33 -0.66 -12.27
CA ASN A 333 20.36 -0.78 -13.71
CA ASN A 333 20.36 -0.74 -13.73
C ASN A 333 18.98 -1.04 -14.30
C ASN A 333 18.98 -0.96 -14.33
N TRP A 334 17.93 -0.69 -13.57
CA TRP A 334 16.57 -0.88 -14.04
C TRP A 334 16.30 -0.08 -15.31
N THR A 335 15.68 -0.71 -16.28
CA THR A 335 15.23 -0.06 -17.50
C THR A 335 13.79 0.43 -17.29
N THR A 336 13.57 1.72 -17.51
CA THR A 336 12.24 2.29 -17.36
C THR A 336 11.20 1.50 -18.13
N VAL A 337 10.07 1.21 -17.47
CA VAL A 337 9.00 0.50 -18.17
C VAL A 337 8.39 1.38 -19.25
N ALA A 338 7.78 0.72 -20.21
CA ALA A 338 7.12 1.41 -21.31
C ALA A 338 5.91 2.19 -20.80
N PRO A 339 5.41 3.12 -21.60
CA PRO A 339 4.23 3.90 -21.19
C PRO A 339 3.06 3.00 -20.84
N GLN A 340 2.29 3.44 -19.85
CA GLN A 340 1.17 2.67 -19.36
C GLN A 340 0.04 2.66 -20.37
N ARG A 341 -0.40 1.47 -20.74
CA ARG A 341 -1.59 1.26 -21.55
C ARG A 341 -2.77 0.92 -20.66
N LYS A 342 -3.97 1.16 -21.19
CA LYS A 342 -5.22 0.91 -20.48
C LYS A 342 -6.24 0.36 -21.47
N CYS A 343 -6.65 -0.88 -21.25
CA CYS A 343 -7.61 -1.57 -22.11
C CYS A 343 -8.93 -1.73 -21.37
N ILE A 344 -9.99 -1.15 -21.92
CA ILE A 344 -11.31 -1.09 -21.31
C ILE A 344 -12.21 -2.09 -22.02
N ILE A 345 -12.78 -3.02 -21.26
CA ILE A 345 -13.64 -4.06 -21.84
C ILE A 345 -14.96 -4.06 -21.07
N ASP A 346 -16.03 -3.64 -21.73
CA ASP A 346 -17.37 -3.73 -21.16
C ASP A 346 -17.86 -5.15 -21.35
N ILE A 347 -18.11 -5.87 -20.24
CA ILE A 347 -18.27 -7.32 -20.30
C ILE A 347 -19.71 -7.75 -20.57
N LEU A 348 -20.70 -7.18 -19.87
CA LEU A 348 -22.07 -7.71 -19.92
C LEU A 348 -22.83 -7.24 -21.16
N THR A 349 -23.63 -8.15 -21.72
CA THR A 349 -24.59 -7.76 -22.74
C THR A 349 -25.98 -7.48 -22.17
N GLU A 350 -26.22 -7.85 -20.91
CA GLU A 350 -27.49 -7.63 -20.23
C GLU A 350 -27.22 -7.69 -18.73
N PRO A 351 -28.05 -7.05 -17.91
CA PRO A 351 -27.94 -7.24 -16.46
C PRO A 351 -28.12 -8.70 -16.07
N LYS A 352 -27.49 -9.09 -14.97
CA LYS A 352 -27.47 -10.47 -14.51
C LYS A 352 -27.98 -10.56 -13.08
N ASP A 353 -28.98 -11.38 -12.87
CA ASP A 353 -29.45 -11.68 -11.52
C ASP A 353 -28.35 -12.37 -10.72
N ILE A 354 -28.13 -11.92 -9.49
CA ILE A 354 -27.10 -12.54 -8.66
C ILE A 354 -27.64 -13.76 -7.92
N GLY A 355 -28.76 -13.59 -7.21
CA GLY A 355 -29.28 -14.71 -6.44
C GLY A 355 -28.25 -15.28 -5.50
N LYS A 356 -28.20 -16.63 -5.45
CA LYS A 356 -27.26 -17.35 -4.60
C LYS A 356 -25.85 -17.33 -5.15
N ARG A 357 -25.71 -17.31 -6.47
N ARG A 357 -25.70 -17.28 -6.47
CA ARG A 357 -24.41 -17.40 -7.11
CA ARG A 357 -24.40 -17.41 -7.10
C ARG A 357 -24.53 -16.94 -8.55
C ARG A 357 -24.50 -16.98 -8.56
N LEU A 358 -23.52 -16.23 -9.02
CA LEU A 358 -23.44 -15.79 -10.40
C LEU A 358 -22.01 -15.99 -10.87
N GLU A 359 -21.87 -16.55 -12.05
CA GLU A 359 -20.60 -16.64 -12.75
C GLU A 359 -20.74 -15.94 -14.09
N VAL A 360 -19.78 -15.07 -14.41
CA VAL A 360 -19.70 -14.40 -15.70
C VAL A 360 -18.36 -14.75 -16.31
N ARG A 361 -18.39 -15.41 -17.46
N ARG A 361 -18.39 -15.38 -17.48
CA ARG A 361 -17.19 -15.75 -18.22
CA ARG A 361 -17.19 -15.76 -18.21
C ARG A 361 -17.13 -14.86 -19.45
C ARG A 361 -17.12 -14.93 -19.48
N LYS A 362 -15.93 -14.43 -19.80
CA LYS A 362 -15.75 -13.67 -21.04
C LYS A 362 -14.33 -13.86 -21.54
N THR A 363 -14.22 -14.20 -22.81
CA THR A 363 -12.93 -14.33 -23.47
C THR A 363 -12.61 -13.01 -24.17
N VAL A 364 -11.45 -12.44 -23.83
CA VAL A 364 -11.09 -11.10 -24.30
C VAL A 364 -9.79 -11.18 -25.10
N THR A 365 -9.61 -10.20 -25.98
CA THR A 365 -8.37 -10.08 -26.72
C THR A 365 -7.45 -8.98 -26.18
N ALA A 366 -7.87 -8.28 -25.12
CA ALA A 366 -7.04 -7.28 -24.46
C ALA A 366 -6.55 -6.22 -25.44
N CYS A 367 -7.48 -5.72 -26.24
CA CYS A 367 -7.27 -4.59 -27.13
C CYS A 367 -6.27 -4.92 -28.25
N LEU A 368 -6.32 -6.17 -28.71
CA LEU A 368 -5.52 -6.61 -29.85
C LEU A 368 -5.68 -5.68 -31.04
N GLY A 369 -4.55 -5.30 -31.63
CA GLY A 369 -4.55 -4.44 -32.81
C GLY A 369 -4.62 -2.96 -32.52
N GLU A 370 -4.73 -2.56 -31.24
CA GLU A 370 -4.87 -1.18 -30.83
C GLU A 370 -3.65 -0.71 -30.06
N PRO A 371 -3.45 0.61 -29.93
CA PRO A 371 -2.32 1.10 -29.14
C PRO A 371 -2.41 0.74 -27.68
N ASN A 372 -3.58 0.35 -27.17
CA ASN A 372 -3.68 -0.10 -25.79
C ASN A 372 -3.64 -1.61 -25.65
N HIS A 373 -3.19 -2.32 -26.68
CA HIS A 373 -2.97 -3.76 -26.56
C HIS A 373 -2.04 -4.05 -25.41
N ILE A 374 -2.45 -4.94 -24.51
CA ILE A 374 -1.66 -5.31 -23.35
C ILE A 374 -1.36 -6.80 -23.41
N THR A 375 -0.08 -7.14 -23.45
CA THR A 375 0.37 -8.52 -23.28
C THR A 375 1.04 -8.75 -21.94
N ARG A 376 1.32 -7.70 -21.20
CA ARG A 376 2.01 -7.75 -19.90
C ARG A 376 1.20 -6.92 -18.91
N LEU A 377 0.40 -7.59 -18.10
CA LEU A 377 -0.48 -6.91 -17.15
C LEU A 377 0.32 -6.26 -16.02
N GLU A 378 -0.19 -5.14 -15.53
CA GLU A 378 0.20 -4.59 -14.24
C GLU A 378 -1.00 -4.81 -13.34
N HIS A 379 -1.74 -3.75 -13.03
CA HIS A 379 -2.98 -3.86 -12.28
C HIS A 379 -4.13 -4.29 -13.19
N ALA A 380 -5.08 -5.00 -12.61
CA ALA A 380 -6.37 -5.25 -13.25
C ALA A 380 -7.49 -4.86 -12.29
N GLN A 381 -8.55 -4.29 -12.85
CA GLN A 381 -9.74 -3.95 -12.08
C GLN A 381 -10.97 -4.64 -12.66
N ALA A 382 -11.85 -5.06 -11.77
CA ALA A 382 -13.22 -5.37 -12.15
C ALA A 382 -14.07 -4.25 -11.56
N ARG A 383 -14.54 -3.36 -12.43
CA ARG A 383 -15.34 -2.23 -11.98
C ARG A 383 -16.81 -2.67 -12.03
N LEU A 384 -17.41 -2.84 -10.85
CA LEU A 384 -18.71 -3.48 -10.74
C LEU A 384 -19.76 -2.49 -10.24
N THR A 385 -20.92 -2.56 -10.88
CA THR A 385 -22.11 -1.88 -10.42
C THR A 385 -23.16 -2.96 -10.14
N LEU A 386 -23.61 -3.03 -8.89
CA LEU A 386 -24.57 -4.07 -8.53
C LEU A 386 -25.40 -3.59 -7.35
N SER A 387 -26.60 -4.13 -7.27
CA SER A 387 -27.48 -4.02 -6.12
C SER A 387 -27.47 -5.34 -5.37
N TYR A 388 -27.65 -5.26 -4.05
CA TYR A 388 -27.79 -6.45 -3.24
C TYR A 388 -28.41 -6.02 -1.92
N ASN A 389 -29.18 -6.92 -1.30
CA ASN A 389 -29.90 -6.54 -0.10
C ASN A 389 -29.03 -6.50 1.16
N ARG A 390 -27.95 -7.28 1.21
N ARG A 390 -27.97 -7.31 1.21
CA ARG A 390 -27.00 -7.24 2.34
CA ARG A 390 -27.01 -7.27 2.31
C ARG A 390 -25.59 -7.43 1.80
C ARG A 390 -25.63 -7.41 1.72
N ARG A 391 -24.87 -6.31 1.68
CA ARG A 391 -23.63 -6.29 0.93
C ARG A 391 -22.60 -7.26 1.48
N GLY A 392 -22.47 -7.33 2.79
CA GLY A 392 -21.45 -8.12 3.42
C GLY A 392 -21.61 -9.61 3.27
N ASP A 393 -22.76 -10.08 2.78
CA ASP A 393 -22.88 -11.50 2.49
C ASP A 393 -22.20 -11.88 1.19
N LEU A 394 -21.81 -10.91 0.36
CA LEU A 394 -21.16 -11.20 -0.91
C LEU A 394 -19.69 -11.53 -0.75
N ALA A 395 -19.24 -12.54 -1.51
CA ALA A 395 -17.84 -12.76 -1.81
C ALA A 395 -17.69 -12.74 -3.32
N ILE A 396 -16.63 -12.12 -3.80
CA ILE A 396 -16.40 -11.89 -5.22
C ILE A 396 -14.98 -12.33 -5.56
N HIS A 397 -14.85 -13.13 -6.62
CA HIS A 397 -13.55 -13.59 -7.11
C HIS A 397 -13.43 -13.29 -8.60
N LEU A 398 -12.20 -13.07 -9.03
CA LEU A 398 -11.87 -12.83 -10.42
C LEU A 398 -10.72 -13.76 -10.80
N VAL A 399 -10.92 -14.56 -11.85
CA VAL A 399 -9.92 -15.53 -12.29
C VAL A 399 -9.36 -15.09 -13.64
N SER A 400 -8.04 -14.99 -13.73
CA SER A 400 -7.38 -14.56 -14.96
C SER A 400 -7.26 -15.73 -15.93
N PRO A 401 -6.95 -15.45 -17.20
CA PRO A 401 -6.74 -16.53 -18.16
C PRO A 401 -5.66 -17.51 -17.75
N MET A 402 -4.68 -17.07 -16.96
N MET A 402 -4.69 -17.08 -16.97
CA MET A 402 -3.63 -17.94 -16.47
CA MET A 402 -3.64 -17.98 -16.50
C MET A 402 -4.05 -18.73 -15.24
C MET A 402 -4.01 -18.63 -15.17
N GLY A 403 -5.28 -18.55 -14.77
CA GLY A 403 -5.80 -19.35 -13.68
C GLY A 403 -5.62 -18.75 -12.31
N THR A 404 -5.20 -17.49 -12.22
CA THR A 404 -4.92 -16.86 -10.94
C THR A 404 -6.23 -16.35 -10.36
N ARG A 405 -6.60 -16.92 -9.22
N ARG A 405 -6.59 -16.86 -9.18
CA ARG A 405 -7.81 -16.53 -8.53
CA ARG A 405 -7.89 -16.54 -8.58
C ARG A 405 -7.49 -15.37 -7.62
C ARG A 405 -7.70 -15.43 -7.53
N SER A 406 -8.07 -14.23 -7.91
CA SER A 406 -8.00 -13.07 -7.03
C SER A 406 -9.32 -12.92 -6.28
N THR A 407 -9.24 -12.83 -4.96
CA THR A 407 -10.39 -12.46 -4.17
C THR A 407 -10.56 -10.94 -4.26
N LEU A 408 -11.64 -10.50 -4.89
CA LEU A 408 -11.93 -9.07 -4.94
C LEU A 408 -12.65 -8.59 -3.69
N LEU A 409 -13.42 -9.47 -3.07
CA LEU A 409 -14.19 -9.12 -1.88
C LEU A 409 -14.44 -10.39 -1.09
N ALA A 410 -14.12 -10.36 0.20
CA ALA A 410 -14.51 -11.44 1.09
C ALA A 410 -15.75 -11.02 1.86
N ALA A 411 -16.47 -12.01 2.38
CA ALA A 411 -17.62 -11.73 3.22
C ALA A 411 -17.22 -10.82 4.37
N ARG A 412 -18.04 -9.79 4.62
CA ARG A 412 -17.85 -8.84 5.71
C ARG A 412 -19.08 -8.91 6.60
N PRO A 413 -19.01 -9.66 7.71
N PRO A 413 -19.04 -9.69 7.69
CA PRO A 413 -20.23 -9.93 8.48
CA PRO A 413 -20.27 -9.91 8.46
C PRO A 413 -20.91 -8.69 9.04
C PRO A 413 -20.93 -8.66 8.98
N HIS A 414 -20.17 -7.62 9.31
CA HIS A 414 -20.76 -6.40 9.84
C HIS A 414 -21.40 -5.51 8.77
N ASP A 415 -21.18 -5.78 7.49
CA ASP A 415 -21.63 -4.89 6.43
C ASP A 415 -23.07 -5.22 6.06
N TYR A 416 -24.01 -4.55 6.70
CA TYR A 416 -25.43 -4.75 6.47
C TYR A 416 -25.98 -3.86 5.35
N SER A 417 -25.13 -3.12 4.66
CA SER A 417 -25.62 -2.11 3.73
C SER A 417 -26.47 -2.73 2.63
N ALA A 418 -27.53 -2.02 2.27
CA ALA A 418 -28.35 -2.33 1.12
C ALA A 418 -27.98 -1.48 -0.09
N ASP A 419 -26.85 -0.77 -0.05
CA ASP A 419 -26.49 0.18 -1.09
C ASP A 419 -25.63 -0.39 -2.20
N GLY A 420 -25.19 -1.63 -2.10
CA GLY A 420 -24.46 -2.29 -3.17
C GLY A 420 -23.15 -1.59 -3.49
N PHE A 421 -22.72 -1.75 -4.74
CA PHE A 421 -21.49 -1.15 -5.24
C PHE A 421 -21.81 -0.33 -6.47
N ASN A 422 -21.34 0.93 -6.47
CA ASN A 422 -21.62 1.87 -7.55
C ASN A 422 -20.32 2.10 -8.32
N ASP A 423 -20.14 1.31 -9.38
CA ASP A 423 -18.92 1.35 -10.20
C ASP A 423 -17.67 1.31 -9.32
N TRP A 424 -17.63 0.32 -8.45
CA TRP A 424 -16.50 0.16 -7.53
C TRP A 424 -15.40 -0.64 -8.22
N ALA A 425 -14.19 -0.07 -8.26
CA ALA A 425 -13.09 -0.63 -9.06
C ALA A 425 -12.21 -1.55 -8.25
N PHE A 426 -12.72 -2.75 -7.97
CA PHE A 426 -11.96 -3.75 -7.24
C PHE A 426 -10.68 -4.06 -7.99
N MET A 427 -9.54 -3.99 -7.31
CA MET A 427 -8.26 -4.07 -7.99
C MET A 427 -7.46 -5.28 -7.50
N THR A 428 -6.78 -5.94 -8.44
CA THR A 428 -5.86 -7.01 -8.09
C THR A 428 -4.48 -6.77 -8.68
N THR A 429 -3.46 -7.06 -7.87
CA THR A 429 -2.07 -7.08 -8.28
C THR A 429 -1.57 -8.49 -8.55
N HIS A 430 -2.41 -9.50 -8.36
CA HIS A 430 -1.93 -10.87 -8.32
C HIS A 430 -1.64 -11.44 -9.71
N SER A 431 -2.07 -10.75 -10.77
CA SER A 431 -1.80 -11.19 -12.13
C SER A 431 -0.76 -10.33 -12.81
N TRP A 432 0.01 -9.56 -12.03
CA TRP A 432 1.10 -8.76 -12.56
C TRP A 432 2.02 -9.60 -13.44
N ASP A 433 2.32 -9.08 -14.63
CA ASP A 433 3.18 -9.65 -15.68
C ASP A 433 2.52 -10.80 -16.47
N GLU A 434 1.31 -11.23 -16.11
CA GLU A 434 0.60 -12.21 -16.94
C GLU A 434 0.10 -11.58 -18.24
N ASP A 435 -0.08 -12.43 -19.23
CA ASP A 435 -0.78 -12.04 -20.45
C ASP A 435 -2.28 -12.10 -20.19
N PRO A 436 -3.03 -11.00 -20.34
CA PRO A 436 -4.45 -11.01 -19.98
C PRO A 436 -5.39 -11.44 -21.09
N SER A 437 -4.86 -11.85 -22.24
N SER A 437 -4.87 -11.84 -22.25
CA SER A 437 -5.70 -12.38 -23.29
CA SER A 437 -5.72 -12.37 -23.30
C SER A 437 -6.26 -13.73 -22.87
C SER A 437 -6.28 -13.72 -22.86
N GLY A 438 -7.53 -13.97 -23.21
CA GLY A 438 -8.16 -15.24 -22.90
C GLY A 438 -9.38 -15.10 -22.01
N GLU A 439 -9.75 -16.17 -21.33
CA GLU A 439 -10.98 -16.18 -20.57
C GLU A 439 -10.76 -15.67 -19.15
N TRP A 440 -11.51 -14.62 -18.80
CA TRP A 440 -11.65 -14.16 -17.43
C TRP A 440 -12.98 -14.66 -16.86
N VAL A 441 -12.98 -14.94 -15.56
CA VAL A 441 -14.18 -15.42 -14.87
C VAL A 441 -14.42 -14.57 -13.65
N LEU A 442 -15.61 -13.99 -13.55
CA LEU A 442 -16.06 -13.29 -12.35
C LEU A 442 -17.05 -14.19 -11.61
N GLU A 443 -16.83 -14.39 -10.33
CA GLU A 443 -17.69 -15.16 -9.46
C GLU A 443 -18.24 -14.24 -8.37
N ILE A 444 -19.57 -14.21 -8.22
CA ILE A 444 -20.22 -13.51 -7.12
C ILE A 444 -21.06 -14.53 -6.38
N GLU A 445 -20.84 -14.66 -5.08
CA GLU A 445 -21.52 -15.69 -4.30
C GLU A 445 -22.12 -15.11 -3.04
N ASN A 446 -23.31 -15.58 -2.72
CA ASN A 446 -23.93 -15.30 -1.43
C ASN A 446 -23.38 -16.32 -0.44
N THR A 447 -22.58 -15.85 0.53
CA THR A 447 -21.96 -16.75 1.49
C THR A 447 -22.87 -17.11 2.65
N SER A 448 -24.05 -16.51 2.74
N SER A 448 -24.06 -16.51 2.72
CA SER A 448 -24.98 -16.79 3.81
CA SER A 448 -25.04 -16.73 3.78
C SER A 448 -26.03 -17.81 3.33
C SER A 448 -26.13 -17.69 3.31
N GLU A 449 -26.82 -18.29 4.29
CA GLU A 449 -27.96 -19.13 3.98
C GLU A 449 -29.22 -18.32 3.72
N ALA A 450 -29.17 -17.01 3.91
CA ALA A 450 -30.33 -16.16 3.67
C ALA A 450 -30.67 -16.11 2.19
N ASN A 451 -31.96 -15.91 1.90
CA ASN A 451 -32.40 -15.76 0.52
C ASN A 451 -32.19 -14.31 0.09
N ASN A 452 -30.92 -14.00 -0.15
CA ASN A 452 -30.51 -12.68 -0.60
C ASN A 452 -30.71 -12.51 -2.10
N TYR A 453 -30.72 -11.26 -2.56
CA TYR A 453 -31.12 -10.96 -3.93
C TYR A 453 -30.51 -9.64 -4.41
N GLY A 454 -30.33 -9.56 -5.72
CA GLY A 454 -29.83 -8.35 -6.34
C GLY A 454 -29.39 -8.64 -7.76
N THR A 455 -28.81 -7.62 -8.38
CA THR A 455 -28.54 -7.63 -9.82
C THR A 455 -27.20 -6.98 -10.09
N LEU A 456 -26.39 -7.63 -10.93
CA LEU A 456 -25.17 -7.03 -11.49
C LEU A 456 -25.54 -6.31 -12.78
N THR A 457 -25.37 -4.99 -12.81
CA THR A 457 -25.75 -4.23 -13.99
C THR A 457 -24.57 -3.79 -14.85
N LYS A 458 -23.36 -3.77 -14.32
CA LYS A 458 -22.21 -3.39 -15.11
C LYS A 458 -20.99 -4.09 -14.56
N PHE A 459 -20.18 -4.61 -15.49
CA PHE A 459 -18.90 -5.22 -15.18
C PHE A 459 -17.95 -4.71 -16.25
N THR A 460 -17.06 -3.79 -15.88
CA THR A 460 -16.01 -3.34 -16.75
C THR A 460 -14.70 -3.99 -16.30
N LEU A 461 -14.07 -4.72 -17.19
CA LEU A 461 -12.72 -5.22 -16.95
C LEU A 461 -11.74 -4.18 -17.47
N VAL A 462 -10.93 -3.64 -16.59
CA VAL A 462 -9.97 -2.61 -16.95
C VAL A 462 -8.59 -3.19 -16.73
N LEU A 463 -7.83 -3.29 -17.80
CA LEU A 463 -6.49 -3.85 -17.79
C LEU A 463 -5.49 -2.71 -17.97
N TYR A 464 -4.48 -2.67 -17.11
CA TYR A 464 -3.36 -1.76 -17.26
C TYR A 464 -2.09 -2.57 -17.53
N GLY A 465 -1.17 -2.01 -18.30
CA GLY A 465 0.09 -2.71 -18.52
C GLY A 465 0.76 -2.25 -19.81
N THR A 466 1.58 -3.14 -20.35
CA THR A 466 2.41 -2.82 -21.51
C THR A 466 2.38 -3.99 -22.47
N ALA A 467 3.18 -3.89 -23.53
CA ALA A 467 3.28 -4.97 -24.49
C ALA A 467 4.74 -5.27 -24.81
N SER A 468 5.65 -5.10 -23.84
CA SER A 468 7.06 -5.35 -24.09
C SER A 468 7.79 -5.55 -22.76
N GLY A 469 8.92 -6.25 -22.83
CA GLY A 469 9.86 -6.28 -21.73
C GLY A 469 9.71 -7.40 -20.72
N SER A 470 9.02 -8.49 -21.06
CA SER A 470 8.75 -9.54 -20.07
C SER A 470 10.02 -10.32 -19.73
N LEU A 471 10.08 -10.78 -18.48
CA LEU A 471 11.11 -11.70 -18.01
C LEU A 471 10.62 -13.13 -18.17
N VAL A 472 11.58 -14.07 -18.19
CA VAL A 472 11.19 -15.49 -18.14
C VAL A 472 10.46 -15.75 -16.83
N PRO A 473 9.38 -16.53 -16.81
CA PRO A 473 8.67 -16.78 -15.54
C PRO A 473 9.58 -17.38 -14.47
N ARG A 474 9.25 -17.07 -13.22
CA ARG A 474 10.05 -17.45 -12.06
C ARG A 474 10.11 -18.97 -11.86
CA CA B . 0.18 24.54 12.87
CA CA C . 18.90 8.04 16.70
CA CA D . -10.12 -1.29 6.01
NA NA E . -2.68 0.49 -3.75
NA NA F . -4.23 -15.96 -22.99
NA NA G . -1.50 -20.84 -10.59
NA NA H . -7.24 1.99 7.53
CL CL I . -6.81 5.68 -15.80
S DMS J . -20.31 1.80 -2.76
O DMS J . -19.91 1.76 -4.21
C1 DMS J . -19.57 3.29 -2.04
C2 DMS J . -22.06 2.27 -2.73
H11 DMS J . -19.91 3.41 -1.05
H12 DMS J . -19.86 4.13 -2.62
H13 DMS J . -18.52 3.20 -2.06
H21 DMS J . -22.39 2.32 -1.72
H22 DMS J . -22.63 1.54 -3.25
H23 DMS J . -22.18 3.21 -3.19
S DMS K . -0.72 6.84 -15.80
O DMS K . -1.96 7.20 -15.06
C1 DMS K . -0.92 7.25 -17.53
C2 DMS K . 0.56 8.07 -15.48
H11 DMS K . 0.03 7.26 -18.01
H12 DMS K . -1.36 8.20 -17.62
H13 DMS K . -1.54 6.53 -18.00
H21 DMS K . 1.43 7.84 -16.04
H22 DMS K . 0.79 8.10 -14.45
H23 DMS K . 0.20 9.03 -15.78
S DMS L . -4.18 -0.98 15.91
O DMS L . -5.44 -0.67 15.15
C1 DMS L . -3.42 -2.43 15.16
C2 DMS L . -2.94 0.26 15.47
H11 DMS L . -2.49 -2.63 15.62
H12 DMS L . -3.27 -2.25 14.13
H13 DMS L . -4.06 -3.27 15.27
H21 DMS L . -2.00 -0.02 15.88
H22 DMS L . -3.22 1.20 15.84
H23 DMS L . -2.85 0.30 14.41
S DMS M . 4.35 21.27 25.29
O DMS M . 5.10 20.19 24.57
C1 DMS M . 3.60 22.44 24.13
C2 DMS M . 2.87 20.56 26.10
H11 DMS M . 3.02 23.15 24.66
H12 DMS M . 2.98 21.92 23.45
H13 DMS M . 4.37 22.94 23.60
H21 DMS M . 2.32 21.34 26.56
H22 DMS M . 3.18 19.86 26.83
H23 DMS M . 2.28 20.09 25.37
S DMS N . -2.14 23.69 17.73
O DMS N . -1.06 24.71 17.96
C1 DMS N . -1.40 22.20 17.02
C2 DMS N . -2.82 23.15 19.31
H11 DMS N . -2.15 21.46 16.89
H12 DMS N . -0.65 21.83 17.67
H13 DMS N . -0.97 22.43 16.08
H21 DMS N . -3.67 22.55 19.14
H22 DMS N . -3.08 23.99 19.89
H23 DMS N . -2.08 22.58 19.83
S DMS O . -5.01 -16.87 6.18
S DMS O . -4.24 -17.09 7.38
O DMS O . -3.84 -17.81 6.10
O DMS O . -3.37 -18.22 6.95
C1 DMS O . -6.30 -17.62 7.20
C1 DMS O . -4.63 -16.09 5.93
C2 DMS O . -4.58 -15.55 7.33
C2 DMS O . -5.89 -17.79 7.70
H11 DMS O . -7.09 -16.92 7.34
H11 DMS O . -5.33 -15.33 6.19
H12 DMS O . -5.91 -17.90 8.14
H12 DMS O . -5.06 -16.71 5.17
H13 DMS O . -6.68 -18.47 6.72
H13 DMS O . -3.75 -15.64 5.56
H21 DMS O . -5.31 -14.78 7.28
H21 DMS O . -6.57 -16.99 7.92
H22 DMS O . -3.62 -15.15 7.08
H22 DMS O . -5.84 -18.44 8.54
H23 DMS O . -4.54 -15.93 8.32
H23 DMS O . -6.22 -18.32 6.85
C1 NAG P . 15.17 8.67 -17.27
C2 NAG P . 16.41 9.16 -18.03
C3 NAG P . 16.01 9.69 -19.42
C4 NAG P . 15.16 8.67 -20.16
C5 NAG P . 13.98 8.27 -19.29
C6 NAG P . 13.11 7.21 -19.92
C7 NAG P . 18.24 9.95 -16.59
C8 NAG P . 18.82 11.14 -15.87
N2 NAG P . 17.11 10.18 -17.28
O3 NAG P . 17.19 9.97 -20.16
O4 NAG P . 14.68 9.24 -21.38
O5 NAG P . 14.46 7.73 -18.05
O6 NAG P . 13.87 6.05 -20.22
O7 NAG P . 18.77 8.84 -16.55
H1 NAG P . 14.60 9.43 -17.08
H2 NAG P . 17.00 8.40 -18.18
H3 NAG P . 15.50 10.51 -19.29
H4 NAG P . 15.70 7.89 -20.37
H5 NAG P . 13.43 9.06 -19.10
H61 NAG P . 12.72 7.57 -20.74
H62 NAG P . 12.39 6.98 -19.30
H81 NAG P . 19.62 10.86 -15.38
H82 NAG P . 18.16 11.49 -15.25
H83 NAG P . 19.06 11.83 -16.52
HN2 NAG P . 16.78 11.03 -17.28
HO3 NAG P . 16.97 10.21 -20.99
HO4 NAG P . 14.72 8.62 -22.02
HO6 NAG P . 13.36 5.48 -20.70
C10 A1JA1 Q . -10.20 9.76 7.30
N12 A1JA1 Q . -11.01 9.09 9.49
C13 A1JA1 Q . -11.16 9.39 10.90
C15 A1JA1 Q . -9.40 7.70 11.44
C17 A1JA1 Q . -8.53 7.54 13.98
C20 A1JA1 Q . -5.38 8.79 15.40
C21 A1JA1 Q . -4.21 9.65 14.92
C24 A1JA1 Q . -5.94 8.02 12.95
C26 A1JA1 Q . -9.19 7.56 9.99
C28 A1JA1 Q . -11.23 9.49 6.39
C02 A1JA1 Q . -5.68 10.61 3.34
C03 A1JA1 Q . -4.59 10.29 4.11
C04 A1JA1 Q . -4.82 9.75 5.35
C06 A1JA1 Q . -6.08 9.50 5.83
C07 A1JA1 Q . -7.17 9.79 5.03
C08 A1JA1 Q . -8.59 9.62 5.50
C09 A1JA1 Q . -8.90 9.85 6.84
C11 A1JA1 Q . -10.48 10.01 8.82
C14 A1JA1 Q . -9.94 9.01 11.75
C16 A1JA1 Q . -8.30 7.47 12.52
C18 A1JA1 Q . -7.30 7.18 14.80
C25 A1JA1 Q . -7.20 8.41 12.16
C27 A1JA1 Q . -10.54 7.76 9.30
C29 A1JA1 Q . -10.94 9.28 5.03
C30 A1JA1 Q . -12.07 8.99 4.01
C32 A1JA1 Q . -13.06 11.05 4.14
C33 A1JA1 Q . -13.66 12.23 3.36
C34 A1JA1 Q . -14.59 11.77 2.33
C35 A1JA1 Q . -15.11 12.96 1.54
C37 A1JA1 Q . -16.82 13.47 -0.18
C38 A1JA1 Q . -18.00 12.96 -1.00
C40 A1JA1 Q . -13.96 10.78 1.46
C41 A1JA1 Q . -13.36 9.62 2.29
C42 A1JA1 Q . -9.61 9.36 4.59
C43 A1JA1 Q . -6.97 10.36 3.79
N19 A1JA1 Q . -6.15 8.04 14.43
N22 A1JA1 Q . -3.52 10.27 16.03
N31 A1JA1 Q . -12.43 10.02 3.31
N36 A1JA1 Q . -16.24 12.55 0.72
O23 A1JA1 Q . -5.67 8.71 16.55
O39 A1JA1 Q . -16.41 14.59 -0.26
CL01 A1JA1 Q . -5.40 11.35 1.76
CL05 A1JA1 Q . -3.43 9.37 6.34
H132 A1JA1 Q . -11.34 10.46 11.01
H131 A1JA1 Q . -12.03 8.85 11.29
H151 A1JA1 Q . -10.21 7.14 11.85
H171 A1JA1 Q . -8.82 8.55 14.24
H172 A1JA1 Q . -9.34 6.87 14.24
H212 A1JA1 Q . -3.51 9.04 14.37
H211 A1JA1 Q . -4.60 10.43 14.27
H242 A1JA1 Q . -5.64 7.02 12.66
H241 A1JA1 Q . -5.14 8.72 12.70
H262 A1JA1 Q . -8.81 6.57 9.78
H261 A1JA1 Q . -8.48 8.29 9.64
H281 A1JA1 Q . -12.26 9.43 6.73
H031 A1JA1 Q . -3.59 10.48 3.76
H061 A1JA1 Q . -6.23 9.08 6.82
H091 A1JA1 Q . -8.10 10.09 7.53
H111 A1JA1 Q . -9.53 10.25 9.28
H112 A1JA1 Q . -11.14 10.88 8.89
H141 A1JA1 Q . -9.17 9.76 11.59
H142 A1JA1 Q . -10.23 9.02 12.80
H161 A1JA1 Q . -7.81 6.59 12.12
H181 A1JA1 Q . -7.52 7.29 15.86
H182 A1JA1 Q . -7.04 6.14 14.61
H252 A1JA1 Q . -7.00 8.34 11.09
H251 A1JA1 Q . -7.49 9.43 12.41
H272 A1JA1 Q . -11.26 7.05 9.70
H271 A1JA1 Q . -10.42 7.57 8.24
H302 A1JA1 Q . -12.94 8.62 4.55
H301 A1JA1 Q . -11.72 8.22 3.32
H321 A1JA1 Q . -13.85 10.58 4.71
H322 A1JA1 Q . -12.31 11.44 4.83
H331 A1JA1 Q . -12.86 12.79 2.89
H332 A1JA1 Q . -14.19 12.88 4.05
H341 A1JA1 Q . -15.45 11.30 2.79
H352 A1JA1 Q . -14.32 13.35 0.90
H351 A1JA1 Q . -15.43 13.74 2.23
H381 A1JA1 Q . -18.67 12.40 -0.36
H383 A1JA1 Q . -17.63 12.29 -1.79
H382 A1JA1 Q . -18.52 13.79 -1.45
H402 A1JA1 Q . -13.17 11.27 0.89
H401 A1JA1 Q . -14.70 10.39 0.78
H411 A1JA1 Q . -14.18 9.09 2.76
H412 A1JA1 Q . -12.85 8.94 1.61
H421 A1JA1 Q . -9.38 9.20 3.54
H431 A1JA1 Q . -7.82 10.63 3.17
H221 A1JA1 Q . -2.79 9.67 16.35
H361 A1JA1 Q . -16.59 11.62 0.80
H222 A1JA1 Q . -3.12 11.14 15.74
#